data_4XM7
#
_entry.id   4XM7
#
_cell.length_a   57.028
_cell.length_b   78.423
_cell.length_c   139.269
_cell.angle_alpha   90.000
_cell.angle_beta   90.000
_cell.angle_gamma   90.000
#
_symmetry.space_group_name_H-M   'P 21 21 21'
#
loop_
_entity.id
_entity.type
_entity.pdbx_description
1 polymer 'Lethal factor'
2 non-polymer N~2~-[(4-fluoro-3-methoxyphenyl)sulfonyl]-N-hydroxy-N~2~-(2-methylpropyl)-D-valinamide
3 non-polymer 'ZINC ION'
4 non-polymer 1,2-ETHANEDIOL
5 water water
#
_entity_poly.entity_id   1
_entity_poly.type   'polypeptide(L)'
_entity_poly.pdbx_seq_one_letter_code
;SNALSRYEKWEKIKQHYQHWSDSLSEEGRGLLKKLQIPIEPKKDDIIHSLSQEEKELLKRIQIDSSDFLSTEEKEFLKKL
QIDIRDSLSEEEKELLNRIQVDSSNPLSEKEKEFLKKLKLDIQPYDINQRLQDTGGLIDSPSINLDVRKQYKRDIQNIDA
LLHQSIGSTLYNKIYLYENMNINNLTATLGADLVDSTDNTKINRGIFNEFKKNFKYSISSNYMIVDINERPALDNERLKW
RIQLSPDTRAGYLENGKLILQRNIGLEIKDVQIIKQSEKEYIRIDAKVVPKSKIDTKIQEAQLNINQEWNKALGLPKYTK
LITFNVHNRYASNIVESAYLILNEWKNNIQSDLIKKVTNYLVDGNGRFVFTDITLPNIAEQYTHQDEIYEQVHSKGLYVP
ESRSILLHGPSKGVELRNDSEGFIHEFGHAVDDYAGYLLDKNQSDLVTNSKKFIDIFKEEGSNLTSYGRTNEAEFFAEAF
RLMHSTDHAERLKVQKNAPKTFQFINDQIKFIINSLVPR
;
_entity_poly.pdbx_strand_id   A
#
# COMPACT_ATOMS: atom_id res chain seq x y z
N LEU A 4 -34.36 -11.66 17.77
CA LEU A 4 -32.94 -11.69 18.09
C LEU A 4 -32.53 -10.48 18.92
N SER A 5 -32.29 -10.70 20.21
CA SER A 5 -32.04 -9.60 21.13
C SER A 5 -30.58 -9.13 21.13
N ARG A 6 -30.37 -7.90 20.69
CA ARG A 6 -29.05 -7.27 20.72
C ARG A 6 -28.52 -7.14 22.14
N TYR A 7 -29.39 -6.71 23.04
CA TYR A 7 -28.99 -6.36 24.40
C TYR A 7 -28.74 -7.59 25.26
N GLU A 8 -29.49 -8.65 25.03
CA GLU A 8 -29.23 -9.92 25.69
C GLU A 8 -27.90 -10.50 25.19
N LYS A 9 -27.72 -10.45 23.87
CA LYS A 9 -26.48 -10.89 23.23
C LYS A 9 -25.28 -10.18 23.84
N TRP A 10 -25.37 -8.86 23.91
CA TRP A 10 -24.36 -8.01 24.53
C TRP A 10 -24.08 -8.45 25.97
N GLU A 11 -25.13 -8.52 26.80
CA GLU A 11 -24.98 -8.89 28.21
C GLU A 11 -24.38 -10.29 28.40
N LYS A 12 -24.65 -11.18 27.46
CA LYS A 12 -24.19 -12.56 27.55
C LYS A 12 -22.69 -12.66 27.27
N ILE A 13 -22.22 -11.91 26.28
CA ILE A 13 -20.81 -11.89 25.93
C ILE A 13 -19.99 -11.18 27.00
N LYS A 14 -20.57 -10.12 27.57
CA LYS A 14 -19.92 -9.36 28.63
C LYS A 14 -19.72 -10.21 29.88
N GLN A 15 -20.70 -11.05 30.19
CA GLN A 15 -20.60 -11.94 31.34
C GLN A 15 -19.49 -12.96 31.12
N HIS A 16 -19.42 -13.50 29.91
CA HIS A 16 -18.40 -14.50 29.54
C HIS A 16 -16.99 -13.97 29.77
N TYR A 17 -16.83 -12.65 29.75
CA TYR A 17 -15.53 -12.02 29.93
C TYR A 17 -15.45 -11.20 31.22
N GLN A 18 -16.47 -11.32 32.06
CA GLN A 18 -16.57 -10.49 33.26
C GLN A 18 -15.38 -10.67 34.22
N HIS A 19 -14.96 -11.92 34.41
CA HIS A 19 -13.80 -12.21 35.23
C HIS A 19 -12.56 -11.55 34.63
N TRP A 20 -12.38 -11.75 33.33
CA TRP A 20 -11.25 -11.18 32.58
C TRP A 20 -11.17 -9.67 32.74
N SER A 21 -12.30 -9.00 32.61
CA SER A 21 -12.37 -7.54 32.77
C SER A 21 -12.00 -7.10 34.17
N ASP A 22 -12.59 -7.76 35.17
CA ASP A 22 -12.34 -7.42 36.57
C ASP A 22 -10.90 -7.76 36.99
N SER A 23 -10.24 -8.60 36.21
CA SER A 23 -8.88 -9.05 36.54
C SER A 23 -7.82 -8.15 35.93
N LEU A 24 -8.25 -7.12 35.20
CA LEU A 24 -7.33 -6.24 34.51
C LEU A 24 -6.71 -5.20 35.44
N SER A 25 -5.39 -5.13 35.43
CA SER A 25 -4.70 -4.00 36.04
C SER A 25 -5.04 -2.75 35.24
N GLU A 26 -4.80 -1.57 35.82
CA GLU A 26 -5.05 -0.35 35.07
C GLU A 26 -3.92 -0.08 34.09
N GLU A 27 -2.81 -0.80 34.25
CA GLU A 27 -1.77 -0.79 33.24
C GLU A 27 -2.31 -1.44 31.97
N GLY A 28 -2.83 -2.66 32.12
CA GLY A 28 -3.42 -3.38 31.02
C GLY A 28 -4.68 -2.71 30.50
N ARG A 29 -5.33 -1.92 31.35
CA ARG A 29 -6.53 -1.21 30.93
C ARG A 29 -6.15 -0.06 30.01
N GLY A 30 -5.09 0.67 30.36
CA GLY A 30 -4.64 1.80 29.57
C GLY A 30 -4.00 1.39 28.27
N LEU A 31 -3.34 0.24 28.29
CA LEU A 31 -2.74 -0.35 27.10
C LEU A 31 -3.79 -0.60 26.02
N LEU A 32 -4.95 -1.11 26.44
CA LEU A 32 -6.06 -1.35 25.53
C LEU A 32 -6.62 -0.03 25.02
N LYS A 33 -6.62 0.99 25.88
CA LYS A 33 -7.10 2.31 25.47
C LYS A 33 -6.16 2.94 24.46
N LYS A 34 -4.85 2.85 24.75
CA LYS A 34 -3.83 3.38 23.85
C LYS A 34 -3.95 2.76 22.46
N LEU A 35 -4.26 1.46 22.42
CA LEU A 35 -4.46 0.76 21.16
C LEU A 35 -5.65 1.32 20.39
N GLN A 36 -6.76 1.54 21.09
CA GLN A 36 -7.96 2.08 20.47
C GLN A 36 -7.79 3.54 20.04
N ILE A 37 -7.25 4.35 20.95
CA ILE A 37 -7.01 5.76 20.66
C ILE A 37 -5.50 6.02 20.59
N PRO A 38 -4.96 6.04 19.36
CA PRO A 38 -3.53 6.28 19.16
C PRO A 38 -3.11 7.64 19.68
N ILE A 39 -1.84 7.75 20.09
CA ILE A 39 -1.30 9.01 20.57
C ILE A 39 -0.79 9.84 19.41
N GLU A 40 -1.61 10.80 18.98
CA GLU A 40 -1.23 11.70 17.90
C GLU A 40 -0.05 12.58 18.33
N PRO A 41 0.80 12.98 17.37
CA PRO A 41 1.89 13.90 17.70
C PRO A 41 1.34 15.28 18.06
N LYS A 42 2.04 16.01 18.91
CA LYS A 42 1.57 17.33 19.31
C LYS A 42 2.16 18.40 18.41
N LYS A 43 1.29 19.04 17.63
CA LYS A 43 1.68 20.03 16.63
C LYS A 43 2.54 21.15 17.17
N ASP A 44 2.27 21.56 18.41
CA ASP A 44 2.92 22.71 19.01
C ASP A 44 4.41 22.48 19.26
N ASP A 45 4.75 21.33 19.82
CA ASP A 45 6.14 21.00 20.12
C ASP A 45 6.94 20.88 18.83
N ILE A 46 6.27 20.49 17.76
CA ILE A 46 6.90 20.34 16.45
C ILE A 46 7.34 21.68 15.88
N ILE A 47 6.40 22.62 15.79
CA ILE A 47 6.68 23.93 15.22
C ILE A 47 7.69 24.71 16.05
N HIS A 48 7.65 24.52 17.36
CA HIS A 48 8.61 25.15 18.26
C HIS A 48 10.03 24.69 17.95
N SER A 49 10.16 23.49 17.41
CA SER A 49 11.47 22.92 17.10
C SER A 49 11.99 23.42 15.76
N LEU A 50 11.09 23.89 14.90
CA LEU A 50 11.47 24.41 13.59
C LEU A 50 12.20 25.74 13.69
N SER A 51 13.14 25.99 12.77
CA SER A 51 13.80 27.27 12.68
C SER A 51 12.95 28.21 11.85
N GLN A 52 13.34 29.49 11.81
CA GLN A 52 12.54 30.50 11.13
C GLN A 52 12.47 30.27 9.62
N GLU A 53 13.58 29.85 9.02
CA GLU A 53 13.60 29.53 7.60
C GLU A 53 12.66 28.36 7.33
N GLU A 54 12.57 27.46 8.30
CA GLU A 54 11.75 26.26 8.16
C GLU A 54 10.27 26.55 8.43
N LYS A 55 10.00 27.50 9.32
CA LYS A 55 8.62 27.96 9.54
C LYS A 55 8.11 28.63 8.28
N GLU A 56 8.95 29.48 7.69
CA GLU A 56 8.59 30.22 6.48
C GLU A 56 8.47 29.27 5.29
N LEU A 57 9.42 28.36 5.16
CA LEU A 57 9.43 27.38 4.07
C LEU A 57 8.19 26.49 4.15
N LEU A 58 7.74 26.22 5.37
CA LEU A 58 6.58 25.37 5.59
C LEU A 58 5.30 26.05 5.12
N LYS A 59 5.27 27.38 5.19
CA LYS A 59 4.12 28.15 4.73
C LYS A 59 3.85 27.98 3.24
N ARG A 60 4.90 28.15 2.44
CA ARG A 60 4.75 28.28 0.99
C ARG A 60 4.77 26.95 0.24
N ILE A 61 5.10 25.87 0.93
CA ILE A 61 5.23 24.59 0.25
C ILE A 61 3.86 23.94 0.00
N GLN A 62 3.63 23.53 -1.25
CA GLN A 62 2.40 22.86 -1.61
C GLN A 62 2.60 21.35 -1.55
N ILE A 63 1.99 20.74 -0.54
CA ILE A 63 2.38 19.44 -0.02
C ILE A 63 2.11 18.24 -0.94
N ASP A 64 0.89 18.13 -1.45
CA ASP A 64 0.48 16.92 -2.16
C ASP A 64 1.30 16.61 -3.42
N SER A 65 2.18 17.54 -3.78
CA SER A 65 3.08 17.33 -4.91
C SER A 65 4.03 16.16 -4.64
N SER A 66 4.32 15.94 -3.36
CA SER A 66 5.24 14.88 -2.94
C SER A 66 4.72 13.49 -3.29
N ASP A 67 5.65 12.56 -3.48
CA ASP A 67 5.31 11.22 -3.94
C ASP A 67 5.61 10.14 -2.90
N PHE A 68 6.43 10.48 -1.91
CA PHE A 68 6.95 9.50 -0.96
C PHE A 68 6.24 9.53 0.39
N LEU A 69 5.34 10.49 0.58
CA LEU A 69 4.55 10.53 1.79
C LEU A 69 3.37 9.56 1.65
N SER A 70 2.71 9.31 2.77
CA SER A 70 1.38 8.74 2.77
C SER A 70 0.51 9.96 3.13
N THR A 71 -0.75 10.03 2.68
CA THR A 71 -1.58 11.20 3.01
C THR A 71 -2.01 10.99 4.45
N GLU A 72 -1.92 9.74 4.92
CA GLU A 72 -1.68 9.45 6.34
C GLU A 72 -0.77 10.52 6.93
N GLU A 73 0.38 10.70 6.26
CA GLU A 73 1.42 11.66 6.63
C GLU A 73 1.20 13.02 6.02
N LYS A 74 0.39 13.11 4.99
CA LYS A 74 0.17 14.37 4.25
C LYS A 74 -1.00 15.14 4.88
N GLU A 75 -2.01 14.38 5.35
CA GLU A 75 -3.15 14.93 6.10
C GLU A 75 -2.62 15.92 7.11
N PHE A 76 -1.68 15.43 7.90
CA PHE A 76 -1.22 16.06 9.12
C PHE A 76 -0.40 17.33 8.88
N LEU A 77 0.45 17.33 7.87
CA LEU A 77 1.35 18.47 7.66
C LEU A 77 0.62 19.75 7.27
N LYS A 78 -0.52 19.61 6.60
CA LYS A 78 -1.35 20.78 6.29
C LYS A 78 -2.17 21.21 7.50
N LYS A 79 -2.49 20.26 8.38
CA LYS A 79 -3.07 20.61 9.66
C LYS A 79 -2.06 21.49 10.39
N LEU A 80 -0.79 21.16 10.19
CA LEU A 80 0.31 21.92 10.77
C LEU A 80 0.50 23.27 10.08
N GLN A 81 0.27 23.29 8.77
CA GLN A 81 0.54 24.48 7.96
C GLN A 81 -0.37 25.68 8.30
N ILE A 82 -1.60 25.39 8.72
CA ILE A 82 -2.54 26.46 9.05
C ILE A 82 -2.24 27.04 10.42
N ASP A 83 -1.85 26.19 11.36
CA ASP A 83 -1.46 26.62 12.71
C ASP A 83 -0.29 27.59 12.64
N ILE A 84 0.50 27.48 11.57
CA ILE A 84 1.54 28.43 11.28
C ILE A 84 0.99 29.79 10.90
N ARG A 85 0.01 29.78 10.00
CA ARG A 85 -0.41 30.98 9.26
C ARG A 85 -1.25 32.00 10.04
N ASP A 86 -1.44 31.77 11.34
CA ASP A 86 -2.27 32.63 12.19
C ASP A 86 -2.11 34.13 11.95
N GLU A 90 -3.03 40.39 6.10
CA GLU A 90 -4.04 39.44 6.56
C GLU A 90 -4.74 38.78 5.39
N GLU A 91 -4.25 39.02 4.19
CA GLU A 91 -4.75 38.33 3.01
C GLU A 91 -4.00 37.00 2.86
N GLU A 92 -3.62 36.43 3.99
CA GLU A 92 -2.75 35.27 4.07
C GLU A 92 -3.27 34.05 3.33
N LYS A 93 -4.45 33.57 3.73
CA LYS A 93 -5.03 32.35 3.18
C LYS A 93 -5.14 32.40 1.66
N GLU A 94 -5.69 33.48 1.14
CA GLU A 94 -5.83 33.65 -0.31
C GLU A 94 -4.46 33.73 -0.99
N LEU A 95 -3.54 34.44 -0.35
CA LEU A 95 -2.19 34.61 -0.89
C LEU A 95 -1.43 33.28 -0.92
N LEU A 96 -1.23 32.69 0.26
CA LEU A 96 -0.45 31.47 0.38
C LEU A 96 -1.08 30.29 -0.32
N ASN A 97 -2.38 30.40 -0.64
CA ASN A 97 -3.08 29.37 -1.39
C ASN A 97 -3.71 29.93 -2.66
N ARG A 98 -2.89 30.58 -3.46
CA ARG A 98 -3.35 31.21 -4.70
C ARG A 98 -3.13 30.32 -5.91
N ILE A 99 -1.88 30.16 -6.31
CA ILE A 99 -1.54 29.36 -7.49
C ILE A 99 -1.46 27.87 -7.16
N GLN A 100 -2.56 27.31 -6.65
CA GLN A 100 -2.61 25.90 -6.33
C GLN A 100 -2.91 25.06 -7.56
N VAL A 101 -4.02 25.39 -8.23
CA VAL A 101 -4.46 24.64 -9.40
C VAL A 101 -3.65 24.98 -10.65
N ASP A 102 -2.88 26.07 -10.57
CA ASP A 102 -2.13 26.57 -11.72
C ASP A 102 -1.15 25.54 -12.29
N SER A 103 -0.48 24.80 -11.40
CA SER A 103 0.50 23.80 -11.83
C SER A 103 0.77 22.77 -10.75
N SER A 104 0.87 21.50 -11.17
CA SER A 104 1.30 20.44 -10.28
C SER A 104 2.81 20.25 -10.41
N ASN A 105 3.54 21.35 -10.26
CA ASN A 105 4.99 21.36 -10.42
C ASN A 105 5.68 20.45 -9.39
N PRO A 106 6.83 19.89 -9.78
CA PRO A 106 7.61 19.01 -8.90
C PRO A 106 8.29 19.78 -7.77
N LEU A 107 8.40 19.17 -6.60
CA LEU A 107 9.03 19.80 -5.45
C LEU A 107 10.50 20.10 -5.70
N SER A 108 10.98 21.23 -5.18
CA SER A 108 12.39 21.56 -5.27
C SER A 108 13.18 20.61 -4.38
N GLU A 109 14.47 20.44 -4.68
CA GLU A 109 15.29 19.49 -3.95
C GLU A 109 15.50 19.92 -2.51
N LYS A 110 15.39 21.22 -2.23
CA LYS A 110 15.51 21.70 -0.86
C LYS A 110 14.19 21.55 -0.13
N GLU A 111 13.08 21.55 -0.88
CA GLU A 111 11.77 21.25 -0.32
C GLU A 111 11.68 19.76 0.01
N LYS A 112 12.21 18.94 -0.89
CA LYS A 112 12.21 17.49 -0.72
C LYS A 112 12.96 17.09 0.54
N GLU A 113 14.22 17.51 0.63
CA GLU A 113 15.09 17.15 1.75
C GLU A 113 14.50 17.57 3.08
N PHE A 114 13.82 18.72 3.10
CA PHE A 114 13.17 19.18 4.32
C PHE A 114 12.07 18.21 4.74
N LEU A 115 11.13 17.95 3.83
CA LEU A 115 10.00 17.06 4.12
C LEU A 115 10.45 15.63 4.41
N LYS A 116 11.55 15.21 3.80
CA LYS A 116 12.03 13.85 3.99
C LYS A 116 12.51 13.62 5.42
N LYS A 117 12.84 14.70 6.12
CA LYS A 117 13.29 14.60 7.51
C LYS A 117 12.18 15.00 8.49
N LEU A 118 11.17 15.70 8.00
CA LEU A 118 10.04 16.10 8.83
C LEU A 118 9.09 14.93 9.02
N LYS A 119 9.22 13.93 8.16
CA LYS A 119 8.40 12.72 8.24
C LYS A 119 8.71 11.92 9.51
N LEU A 120 9.96 11.99 9.97
CA LEU A 120 10.38 11.24 11.15
C LEU A 120 9.80 11.81 12.45
N ASP A 121 9.24 13.01 12.38
CA ASP A 121 8.80 13.70 13.59
C ASP A 121 7.28 13.84 13.69
N ILE A 122 6.55 13.22 12.77
CA ILE A 122 5.10 13.37 12.73
C ILE A 122 4.35 12.04 12.82
N GLN A 123 5.06 10.98 13.17
CA GLN A 123 4.43 9.67 13.30
C GLN A 123 3.67 9.54 14.62
N PRO A 124 2.37 9.21 14.53
CA PRO A 124 1.60 8.92 15.75
C PRO A 124 1.99 7.55 16.30
N TYR A 125 1.84 7.35 17.60
CA TYR A 125 2.10 6.04 18.17
C TYR A 125 0.86 5.18 18.04
N ASP A 126 0.78 4.42 16.94
CA ASP A 126 -0.41 3.66 16.58
C ASP A 126 -0.07 2.18 16.41
N ILE A 127 -0.34 1.40 17.46
CA ILE A 127 -0.03 -0.03 17.50
C ILE A 127 -0.67 -0.79 16.34
N ASN A 128 -1.98 -0.65 16.17
CA ASN A 128 -2.69 -1.32 15.10
C ASN A 128 -2.17 -0.94 13.71
N GLN A 129 -1.75 0.31 13.55
CA GLN A 129 -1.23 0.80 12.28
C GLN A 129 0.16 0.24 12.00
N ARG A 130 0.98 0.17 13.05
CA ARG A 130 2.31 -0.39 12.94
C ARG A 130 2.25 -1.86 12.52
N LEU A 131 1.29 -2.58 13.08
CA LEU A 131 1.12 -4.00 12.77
C LEU A 131 0.65 -4.19 11.32
N GLN A 132 -0.25 -3.33 10.88
CA GLN A 132 -0.79 -3.43 9.53
C GLN A 132 0.24 -3.04 8.47
N ASP A 133 0.99 -1.97 8.74
CA ASP A 133 1.99 -1.49 7.81
C ASP A 133 3.14 -2.48 7.63
N THR A 134 3.51 -3.16 8.71
CA THR A 134 4.63 -4.10 8.68
C THR A 134 4.16 -5.54 8.46
N GLY A 135 2.85 -5.76 8.52
CA GLY A 135 2.30 -7.10 8.37
C GLY A 135 2.66 -8.03 9.51
N GLY A 136 2.99 -7.46 10.66
CA GLY A 136 3.37 -8.25 11.82
C GLY A 136 4.88 -8.32 12.03
N LEU A 137 5.63 -8.06 10.97
CA LEU A 137 7.09 -8.03 11.05
C LEU A 137 7.55 -6.71 11.67
N ILE A 138 7.37 -6.60 12.98
CA ILE A 138 7.57 -5.34 13.69
C ILE A 138 9.04 -4.99 13.94
N ASP A 139 9.95 -5.89 13.59
CA ASP A 139 11.37 -5.61 13.75
C ASP A 139 11.91 -4.87 12.52
N SER A 140 11.05 -4.65 11.54
CA SER A 140 11.40 -3.92 10.33
C SER A 140 11.96 -2.54 10.65
N PRO A 141 13.17 -2.24 10.16
CA PRO A 141 13.88 -1.00 10.48
C PRO A 141 13.35 0.23 9.74
N SER A 142 12.04 0.48 9.85
CA SER A 142 11.43 1.63 9.18
C SER A 142 11.00 2.71 10.18
N ILE A 143 11.28 2.48 11.46
CA ILE A 143 11.10 3.51 12.48
C ILE A 143 12.26 3.48 13.46
N ASN A 144 12.37 4.55 14.25
CA ASN A 144 13.32 4.65 15.35
C ASN A 144 13.37 3.39 16.21
N LEU A 145 14.58 2.96 16.56
CA LEU A 145 14.79 1.70 17.27
C LEU A 145 14.12 1.67 18.65
N ASP A 146 14.11 2.81 19.33
CA ASP A 146 13.51 2.88 20.66
C ASP A 146 11.99 2.72 20.58
N VAL A 147 11.36 3.45 19.66
CA VAL A 147 9.94 3.30 19.41
C VAL A 147 9.65 1.88 18.92
N ARG A 148 10.52 1.38 18.05
CA ARG A 148 10.41 0.02 17.52
C ARG A 148 10.35 -0.98 18.68
N LYS A 149 11.22 -0.80 19.67
CA LYS A 149 11.23 -1.66 20.85
C LYS A 149 10.01 -1.41 21.72
N GLN A 150 9.50 -0.18 21.68
CA GLN A 150 8.34 0.19 22.48
C GLN A 150 7.07 -0.47 21.94
N TYR A 151 6.91 -0.46 20.62
CA TYR A 151 5.81 -1.17 19.98
C TYR A 151 5.83 -2.65 20.36
N LYS A 152 7.02 -3.24 20.33
CA LYS A 152 7.18 -4.65 20.64
C LYS A 152 6.73 -4.99 22.05
N ARG A 153 7.15 -4.20 23.02
CA ARG A 153 6.76 -4.42 24.42
C ARG A 153 5.25 -4.35 24.59
N ASP A 154 4.63 -3.34 23.97
CA ASP A 154 3.18 -3.17 24.03
C ASP A 154 2.45 -4.33 23.37
N ILE A 155 2.88 -4.69 22.16
CA ILE A 155 2.23 -5.76 21.41
C ILE A 155 2.31 -7.09 22.16
N GLN A 156 3.48 -7.40 22.71
CA GLN A 156 3.67 -8.64 23.47
C GLN A 156 2.79 -8.65 24.73
N ASN A 157 2.63 -7.50 25.35
CA ASN A 157 1.77 -7.38 26.53
C ASN A 157 0.29 -7.55 26.18
N ILE A 158 -0.12 -7.01 25.04
CA ILE A 158 -1.50 -7.10 24.59
C ILE A 158 -1.87 -8.54 24.23
N ASP A 159 -0.94 -9.23 23.57
CA ASP A 159 -1.11 -10.64 23.27
C ASP A 159 -1.32 -11.43 24.57
N ALA A 160 -0.57 -11.07 25.61
CA ALA A 160 -0.66 -11.73 26.90
C ALA A 160 -2.01 -11.50 27.57
N LEU A 161 -2.62 -10.35 27.29
CA LEU A 161 -3.93 -10.01 27.84
C LEU A 161 -5.04 -10.81 27.17
N LEU A 162 -4.89 -11.06 25.88
CA LEU A 162 -5.92 -11.74 25.10
C LEU A 162 -5.71 -13.24 25.09
N HIS A 163 -6.06 -13.90 26.21
CA HIS A 163 -5.79 -15.31 26.37
C HIS A 163 -7.05 -16.16 26.42
N GLN A 164 -8.19 -15.54 26.74
CA GLN A 164 -9.43 -16.30 26.85
C GLN A 164 -10.14 -16.44 25.51
N SER A 165 -10.25 -17.68 25.05
CA SER A 165 -10.98 -17.97 23.83
C SER A 165 -12.46 -17.67 24.01
N ILE A 166 -13.17 -17.53 22.89
CA ILE A 166 -14.60 -17.26 22.93
C ILE A 166 -15.36 -18.48 23.43
N GLY A 167 -14.79 -19.67 23.22
CA GLY A 167 -15.35 -20.89 23.79
C GLY A 167 -16.21 -21.71 22.86
N SER A 168 -16.45 -22.96 23.26
CA SER A 168 -17.23 -23.90 22.47
C SER A 168 -18.70 -23.51 22.38
N THR A 169 -19.17 -22.80 23.41
CA THR A 169 -20.59 -22.51 23.53
C THR A 169 -21.04 -21.31 22.69
N LEU A 170 -20.36 -20.18 22.86
CA LEU A 170 -20.80 -18.92 22.26
C LEU A 170 -20.44 -18.74 20.79
N TYR A 171 -19.40 -19.44 20.33
CA TYR A 171 -18.82 -19.15 19.02
C TYR A 171 -19.78 -19.27 17.84
N ASN A 172 -20.70 -20.24 17.89
CA ASN A 172 -21.60 -20.45 16.76
C ASN A 172 -23.03 -20.00 17.07
N LYS A 173 -23.16 -19.18 18.12
CA LYS A 173 -24.46 -18.61 18.49
C LYS A 173 -24.50 -17.12 18.12
N ILE A 174 -23.32 -16.54 17.92
CA ILE A 174 -23.21 -15.10 17.74
C ILE A 174 -22.50 -14.70 16.44
N TYR A 175 -22.94 -13.60 15.87
CA TYR A 175 -22.23 -12.94 14.79
C TYR A 175 -21.54 -11.70 15.32
N LEU A 176 -20.39 -11.36 14.76
CA LEU A 176 -19.72 -10.11 15.11
C LEU A 176 -19.49 -9.28 13.86
N TYR A 177 -19.56 -7.97 14.01
CA TYR A 177 -19.64 -7.07 12.88
C TYR A 177 -18.50 -6.05 12.85
N GLU A 178 -18.09 -5.68 11.64
CA GLU A 178 -17.09 -4.64 11.46
C GLU A 178 -17.43 -3.73 10.27
N ASN A 179 -17.52 -2.43 10.53
CA ASN A 179 -17.69 -1.45 9.46
C ASN A 179 -16.34 -1.02 8.93
N MET A 180 -16.24 -0.90 7.62
CA MET A 180 -14.95 -0.64 6.98
C MET A 180 -15.07 0.31 5.79
N ASN A 181 -14.03 1.13 5.61
CA ASN A 181 -13.90 1.96 4.42
C ASN A 181 -13.33 1.13 3.27
N ILE A 182 -13.92 1.28 2.08
CA ILE A 182 -13.49 0.49 0.92
C ILE A 182 -12.06 0.84 0.52
N ASN A 183 -11.66 2.09 0.75
CA ASN A 183 -10.32 2.53 0.42
C ASN A 183 -9.26 1.84 1.28
N ASN A 184 -9.66 1.34 2.44
CA ASN A 184 -8.74 0.61 3.31
C ASN A 184 -8.30 -0.71 2.71
N LEU A 185 -9.08 -1.24 1.77
CA LEU A 185 -8.71 -2.47 1.06
C LEU A 185 -8.14 -2.16 -0.31
N THR A 186 -8.83 -1.31 -1.07
CA THR A 186 -8.35 -0.87 -2.38
C THR A 186 -8.68 0.59 -2.61
N ALA A 187 -7.68 1.44 -2.48
CA ALA A 187 -7.85 2.86 -2.74
C ALA A 187 -8.19 3.09 -4.20
N THR A 188 -7.67 2.24 -5.08
CA THR A 188 -7.91 2.39 -6.51
C THR A 188 -9.35 2.05 -6.88
N LEU A 189 -9.79 0.83 -6.57
CA LEU A 189 -11.15 0.38 -6.87
C LEU A 189 -12.20 1.12 -6.05
N GLY A 190 -11.84 1.46 -4.82
CA GLY A 190 -12.76 2.11 -3.90
C GLY A 190 -13.40 3.40 -4.40
N ALA A 191 -12.59 4.26 -5.01
CA ALA A 191 -13.03 5.58 -5.50
C ALA A 191 -14.22 5.52 -6.46
N ASP A 192 -14.16 4.56 -7.38
CA ASP A 192 -15.24 4.24 -8.31
C ASP A 192 -15.85 2.84 -8.13
N LEU A 193 -16.16 2.45 -6.89
CA LEU A 193 -17.02 1.27 -6.69
C LEU A 193 -18.40 1.78 -6.33
N VAL A 194 -18.42 2.96 -5.72
CA VAL A 194 -19.64 3.72 -5.62
C VAL A 194 -19.97 4.23 -7.00
N ASP A 195 -21.14 3.83 -7.51
CA ASP A 195 -21.60 4.24 -8.82
C ASP A 195 -21.63 5.76 -8.94
N SER A 196 -21.21 6.28 -10.09
CA SER A 196 -21.05 7.71 -10.26
C SER A 196 -22.37 8.45 -10.42
N THR A 197 -23.32 7.86 -11.16
CA THR A 197 -24.60 8.52 -11.36
C THR A 197 -25.42 8.53 -10.07
N ASP A 198 -25.33 7.47 -9.28
CA ASP A 198 -26.00 7.43 -7.99
C ASP A 198 -25.10 6.89 -6.89
N ASN A 199 -24.98 7.64 -5.81
CA ASN A 199 -24.08 7.30 -4.71
C ASN A 199 -24.59 6.18 -3.81
N THR A 200 -25.90 5.99 -3.78
CA THR A 200 -26.50 5.02 -2.86
C THR A 200 -26.57 3.62 -3.47
N LYS A 201 -25.83 3.39 -4.54
CA LYS A 201 -25.84 2.08 -5.18
C LYS A 201 -24.47 1.64 -5.70
N ILE A 202 -24.30 0.34 -5.85
CA ILE A 202 -23.00 -0.24 -6.14
C ILE A 202 -22.88 -0.67 -7.61
N ASN A 203 -21.75 -0.30 -8.23
CA ASN A 203 -21.46 -0.71 -9.59
C ASN A 203 -21.41 -2.24 -9.69
N ARG A 204 -22.37 -2.82 -10.40
CA ARG A 204 -22.52 -4.28 -10.46
C ARG A 204 -21.35 -4.99 -11.13
N GLY A 205 -20.86 -4.43 -12.22
CA GLY A 205 -19.68 -4.96 -12.87
C GLY A 205 -18.47 -4.79 -11.97
N ILE A 206 -18.50 -3.77 -11.13
CA ILE A 206 -17.42 -3.51 -10.19
C ILE A 206 -17.74 -4.16 -8.84
N PHE A 207 -18.97 -4.66 -8.66
CA PHE A 207 -19.23 -5.48 -7.49
C PHE A 207 -18.65 -6.87 -7.74
N ASN A 208 -18.88 -7.39 -8.94
CA ASN A 208 -18.35 -8.68 -9.35
C ASN A 208 -16.82 -8.69 -9.40
N GLU A 209 -16.26 -7.53 -9.76
CA GLU A 209 -14.84 -7.20 -9.63
C GLU A 209 -14.13 -7.61 -8.35
N PHE A 210 -14.81 -7.29 -7.26
CA PHE A 210 -14.28 -7.33 -5.92
C PHE A 210 -14.54 -8.72 -5.33
N LYS A 211 -15.40 -9.48 -6.02
CA LYS A 211 -15.90 -10.75 -5.49
C LYS A 211 -15.25 -11.97 -6.14
N LYS A 212 -14.81 -11.84 -7.40
CA LYS A 212 -14.18 -12.96 -8.10
C LYS A 212 -12.87 -13.35 -7.41
N ASN A 213 -12.18 -12.34 -6.89
CA ASN A 213 -10.83 -12.53 -6.39
C ASN A 213 -10.68 -12.41 -4.86
N PHE A 214 -11.79 -12.30 -4.15
CA PHE A 214 -11.71 -12.24 -2.69
C PHE A 214 -12.27 -13.51 -2.06
N LYS A 215 -11.36 -14.39 -1.64
CA LYS A 215 -11.76 -15.67 -1.04
C LYS A 215 -11.19 -15.85 0.37
N TYR A 216 -10.10 -15.18 0.67
CA TYR A 216 -9.52 -15.26 2.02
C TYR A 216 -8.90 -13.94 2.47
N SER A 217 -8.84 -13.76 3.78
CA SER A 217 -8.40 -12.50 4.36
C SER A 217 -7.45 -12.77 5.53
N ILE A 218 -6.58 -11.81 5.84
CA ILE A 218 -5.67 -11.95 6.97
C ILE A 218 -5.70 -10.71 7.85
N SER A 219 -5.78 -10.91 9.16
CA SER A 219 -5.64 -9.80 10.09
C SER A 219 -4.32 -9.91 10.83
N SER A 220 -3.40 -8.98 10.56
CA SER A 220 -2.11 -9.00 11.21
C SER A 220 -2.10 -8.07 12.44
N ASN A 221 -3.18 -7.36 12.66
CA ASN A 221 -3.32 -6.54 13.85
C ASN A 221 -4.52 -6.96 14.69
N TYR A 222 -4.90 -6.13 15.66
CA TYR A 222 -6.02 -6.46 16.53
C TYR A 222 -7.31 -5.87 16.00
N MET A 223 -8.19 -6.73 15.49
CA MET A 223 -9.49 -6.27 15.02
C MET A 223 -10.36 -5.86 16.18
N ILE A 224 -11.06 -4.75 16.02
CA ILE A 224 -12.01 -4.30 17.02
C ILE A 224 -13.40 -4.34 16.41
N VAL A 225 -14.18 -5.33 16.82
CA VAL A 225 -15.47 -5.61 16.20
C VAL A 225 -16.63 -5.27 17.12
N ASP A 226 -17.81 -5.06 16.53
CA ASP A 226 -18.99 -4.73 17.28
C ASP A 226 -19.85 -5.97 17.55
N ILE A 227 -20.40 -6.07 18.75
CA ILE A 227 -21.26 -7.18 19.12
C ILE A 227 -22.57 -7.11 18.33
N ASN A 228 -23.08 -5.90 18.17
CA ASN A 228 -24.26 -5.66 17.35
C ASN A 228 -23.91 -4.73 16.20
N GLU A 229 -24.53 -4.93 15.04
CA GLU A 229 -24.20 -4.14 13.88
C GLU A 229 -24.54 -2.67 14.09
N ARG A 230 -23.56 -1.81 13.81
CA ARG A 230 -23.70 -0.37 13.96
C ARG A 230 -23.95 0.27 12.60
N PRO A 231 -24.90 1.21 12.53
CA PRO A 231 -25.22 1.94 11.30
C PRO A 231 -23.98 2.54 10.65
N ALA A 232 -23.86 2.37 9.34
CA ALA A 232 -22.69 2.81 8.61
C ALA A 232 -22.52 4.33 8.69
N LEU A 233 -21.30 4.77 8.89
CA LEU A 233 -20.96 6.19 8.78
C LEU A 233 -20.84 6.56 7.31
N ASP A 234 -20.26 7.72 7.03
CA ASP A 234 -20.18 8.26 5.69
C ASP A 234 -19.52 7.32 4.68
N ASN A 235 -18.23 7.09 4.87
CA ASN A 235 -17.45 6.29 3.91
C ASN A 235 -17.35 4.83 4.28
N GLU A 236 -18.26 4.36 5.13
CA GLU A 236 -18.28 2.95 5.53
C GLU A 236 -19.29 2.18 4.70
N ARG A 237 -18.88 1.75 3.51
CA ARG A 237 -19.79 1.06 2.59
C ARG A 237 -19.68 -0.46 2.71
N LEU A 238 -18.60 -0.94 3.32
CA LEU A 238 -18.45 -2.37 3.59
C LEU A 238 -18.98 -2.73 4.96
N LYS A 239 -19.72 -3.84 5.05
CA LYS A 239 -20.24 -4.29 6.34
C LYS A 239 -19.91 -5.76 6.58
N TRP A 240 -18.88 -6.00 7.39
CA TRP A 240 -18.44 -7.36 7.68
C TRP A 240 -19.35 -8.04 8.71
N ARG A 241 -19.58 -9.33 8.50
CA ARG A 241 -20.25 -10.17 9.49
C ARG A 241 -19.37 -11.38 9.75
N ILE A 242 -18.76 -11.40 10.92
CA ILE A 242 -17.75 -12.40 11.25
C ILE A 242 -18.29 -13.45 12.21
N GLN A 243 -18.01 -14.71 11.90
CA GLN A 243 -18.25 -15.80 12.83
C GLN A 243 -16.92 -16.29 13.38
N LEU A 244 -16.76 -16.20 14.70
CA LEU A 244 -15.52 -16.63 15.33
C LEU A 244 -15.39 -18.14 15.34
N SER A 245 -14.18 -18.61 15.62
CA SER A 245 -13.94 -20.02 15.86
C SER A 245 -13.84 -20.23 17.36
N PRO A 246 -14.18 -21.44 17.86
CA PRO A 246 -14.25 -21.74 19.29
C PRO A 246 -13.03 -21.30 20.10
N ASP A 247 -11.84 -21.35 19.51
CA ASP A 247 -10.62 -21.01 20.25
C ASP A 247 -10.04 -19.65 19.85
N THR A 248 -10.85 -18.82 19.18
CA THR A 248 -10.45 -17.46 18.87
C THR A 248 -10.36 -16.63 20.14
N ARG A 249 -9.18 -16.13 20.45
CA ARG A 249 -8.96 -15.37 21.68
C ARG A 249 -9.34 -13.89 21.52
N ALA A 250 -10.20 -13.40 22.41
CA ALA A 250 -10.68 -12.03 22.33
C ALA A 250 -10.84 -11.40 23.70
N GLY A 251 -11.09 -10.09 23.73
CA GLY A 251 -11.33 -9.38 24.97
C GLY A 251 -12.49 -8.43 24.87
N TYR A 252 -13.16 -8.17 25.98
CA TYR A 252 -14.28 -7.25 26.00
C TYR A 252 -13.81 -5.80 26.14
N LEU A 253 -14.30 -4.94 25.24
CA LEU A 253 -14.09 -3.51 25.32
C LEU A 253 -15.42 -2.86 25.67
N GLU A 254 -15.37 -1.70 26.32
CA GLU A 254 -16.59 -1.01 26.75
C GLU A 254 -17.49 -0.70 25.55
N ASN A 255 -18.79 -0.59 25.83
CA ASN A 255 -19.79 -0.20 24.84
C ASN A 255 -19.97 -1.25 23.73
N GLY A 256 -20.05 -2.52 24.13
CA GLY A 256 -20.44 -3.59 23.24
C GLY A 256 -19.48 -3.95 22.11
N LYS A 257 -18.18 -3.99 22.42
CA LYS A 257 -17.18 -4.34 21.41
C LYS A 257 -16.30 -5.48 21.86
N LEU A 258 -15.61 -6.09 20.91
CA LEU A 258 -14.62 -7.11 21.19
C LEU A 258 -13.31 -6.80 20.48
N ILE A 259 -12.20 -7.02 21.16
CA ILE A 259 -10.89 -6.95 20.52
C ILE A 259 -10.41 -8.37 20.26
N LEU A 260 -10.16 -8.69 19.00
CA LEU A 260 -9.72 -10.03 18.64
C LEU A 260 -8.20 -10.10 18.62
N GLN A 261 -7.68 -11.31 18.78
CA GLN A 261 -6.23 -11.53 18.73
C GLN A 261 -5.68 -11.17 17.36
N ARG A 262 -4.39 -10.88 17.31
CA ARG A 262 -3.73 -10.62 16.04
C ARG A 262 -3.45 -11.93 15.31
N ASN A 263 -2.99 -11.82 14.07
CA ASN A 263 -2.62 -12.98 13.26
C ASN A 263 -3.68 -14.06 13.19
N ILE A 264 -4.87 -13.69 12.74
CA ILE A 264 -5.92 -14.67 12.46
C ILE A 264 -6.27 -14.65 10.98
N GLY A 265 -6.85 -15.76 10.51
CA GLY A 265 -7.23 -15.87 9.11
C GLY A 265 -8.73 -15.83 8.95
N LEU A 266 -9.18 -15.25 7.84
CA LEU A 266 -10.60 -15.16 7.54
C LEU A 266 -10.92 -15.73 6.16
N GLU A 267 -11.83 -16.69 6.12
CA GLU A 267 -12.30 -17.23 4.86
C GLU A 267 -13.56 -16.51 4.44
N ILE A 268 -13.57 -16.00 3.21
CA ILE A 268 -14.74 -15.32 2.68
C ILE A 268 -15.78 -16.34 2.27
N LYS A 269 -16.97 -16.26 2.87
CA LYS A 269 -18.01 -17.25 2.65
C LYS A 269 -19.12 -16.71 1.74
N ASP A 270 -19.34 -15.41 1.79
CA ASP A 270 -20.38 -14.78 0.99
C ASP A 270 -20.18 -13.27 0.91
N VAL A 271 -20.08 -12.76 -0.32
CA VAL A 271 -20.08 -11.32 -0.55
C VAL A 271 -21.32 -10.95 -1.33
N GLN A 272 -22.11 -10.03 -0.78
CA GLN A 272 -23.38 -9.66 -1.40
C GLN A 272 -23.62 -8.16 -1.37
N ILE A 273 -24.59 -7.71 -2.16
CA ILE A 273 -25.10 -6.36 -2.02
C ILE A 273 -26.35 -6.42 -1.17
N ILE A 274 -26.41 -5.57 -0.16
CA ILE A 274 -27.58 -5.50 0.70
C ILE A 274 -28.08 -4.08 0.76
N LYS A 275 -29.31 -3.92 1.17
CA LYS A 275 -29.88 -2.62 1.36
C LYS A 275 -30.08 -2.40 2.82
N GLN A 276 -29.56 -1.29 3.32
CA GLN A 276 -29.79 -0.90 4.70
C GLN A 276 -30.12 0.58 4.77
N SER A 277 -31.37 0.87 5.14
CA SER A 277 -31.85 2.25 5.24
C SER A 277 -31.63 3.01 3.93
N GLU A 278 -32.18 2.46 2.85
CA GLU A 278 -32.25 3.09 1.53
C GLU A 278 -30.90 3.50 0.94
N LYS A 279 -29.85 2.75 1.27
CA LYS A 279 -28.58 2.82 0.56
C LYS A 279 -28.00 1.42 0.41
N GLU A 280 -27.22 1.19 -0.63
CA GLU A 280 -26.64 -0.14 -0.84
C GLU A 280 -25.30 -0.29 -0.13
N TYR A 281 -25.08 -1.48 0.41
CA TYR A 281 -23.86 -1.80 1.11
C TYR A 281 -23.33 -3.16 0.66
N ILE A 282 -22.03 -3.36 0.80
CA ILE A 282 -21.45 -4.66 0.53
C ILE A 282 -21.31 -5.42 1.84
N ARG A 283 -22.08 -6.50 1.96
CA ARG A 283 -22.03 -7.38 3.11
C ARG A 283 -20.99 -8.47 2.89
N ILE A 284 -20.06 -8.60 3.83
CA ILE A 284 -19.04 -9.63 3.73
C ILE A 284 -19.18 -10.64 4.86
N ASP A 285 -19.56 -11.86 4.52
CA ASP A 285 -19.63 -12.94 5.50
C ASP A 285 -18.30 -13.67 5.52
N ALA A 286 -17.67 -13.70 6.68
CA ALA A 286 -16.37 -14.33 6.83
C ALA A 286 -16.30 -15.20 8.07
N LYS A 287 -15.45 -16.22 8.02
CA LYS A 287 -15.28 -17.15 9.12
C LYS A 287 -13.83 -17.22 9.56
N VAL A 288 -13.59 -17.15 10.86
CA VAL A 288 -12.24 -17.20 11.38
C VAL A 288 -11.65 -18.60 11.24
N VAL A 289 -10.49 -18.67 10.58
CA VAL A 289 -9.75 -19.91 10.41
C VAL A 289 -8.30 -19.65 10.83
N PRO A 290 -7.52 -20.71 11.08
CA PRO A 290 -6.12 -20.45 11.44
C PRO A 290 -5.36 -19.73 10.33
N LYS A 291 -4.53 -18.76 10.72
CA LYS A 291 -3.78 -17.97 9.76
C LYS A 291 -2.87 -18.84 8.90
N SER A 292 -2.35 -19.92 9.50
CA SER A 292 -1.43 -20.82 8.80
C SER A 292 -2.11 -21.52 7.63
N LYS A 293 -3.44 -21.63 7.71
CA LYS A 293 -4.22 -22.23 6.63
C LYS A 293 -4.18 -21.33 5.40
N ILE A 294 -4.40 -20.04 5.62
CA ILE A 294 -4.35 -19.03 4.57
C ILE A 294 -2.94 -18.91 4.00
N ASP A 295 -1.96 -18.94 4.89
CA ASP A 295 -0.56 -18.78 4.49
C ASP A 295 -0.12 -19.87 3.53
N THR A 296 -0.59 -21.10 3.75
CA THR A 296 -0.22 -22.21 2.89
C THR A 296 -0.81 -22.03 1.49
N LYS A 297 -2.01 -21.48 1.41
CA LYS A 297 -2.64 -21.18 0.13
C LYS A 297 -1.85 -20.13 -0.62
N ILE A 298 -1.38 -19.11 0.11
CA ILE A 298 -0.58 -18.06 -0.48
C ILE A 298 0.73 -18.62 -1.03
N GLN A 299 1.37 -19.48 -0.24
CA GLN A 299 2.63 -20.10 -0.63
C GLN A 299 2.46 -21.06 -1.80
N GLU A 300 1.33 -21.75 -1.86
CA GLU A 300 1.05 -22.64 -2.98
C GLU A 300 0.81 -21.82 -4.23
N ALA A 301 0.23 -20.63 -4.07
CA ALA A 301 -0.03 -19.74 -5.20
C ALA A 301 1.27 -19.11 -5.69
N GLN A 302 2.20 -18.87 -4.76
CA GLN A 302 3.50 -18.30 -5.11
C GLN A 302 4.35 -19.35 -5.81
N LEU A 303 4.36 -20.55 -5.25
CA LEU A 303 5.09 -21.68 -5.83
C LEU A 303 4.56 -21.99 -7.22
N ASN A 304 3.25 -21.88 -7.38
CA ASN A 304 2.60 -22.14 -8.66
C ASN A 304 2.94 -21.13 -9.74
N ILE A 305 2.67 -19.85 -9.46
CA ILE A 305 2.84 -18.79 -10.46
C ILE A 305 4.28 -18.68 -10.95
N ASN A 306 5.23 -19.07 -10.10
CA ASN A 306 6.63 -19.09 -10.49
C ASN A 306 6.89 -20.17 -11.51
N GLN A 307 6.25 -21.32 -11.35
CA GLN A 307 6.44 -22.44 -12.28
C GLN A 307 5.85 -22.13 -13.65
N GLU A 308 4.70 -21.45 -13.65
CA GLU A 308 4.10 -20.98 -14.89
C GLU A 308 5.05 -20.05 -15.62
N TRP A 309 5.63 -19.12 -14.88
CA TRP A 309 6.45 -18.07 -15.47
C TRP A 309 7.91 -18.47 -15.64
N ASN A 310 8.39 -19.48 -14.91
CA ASN A 310 9.71 -20.02 -15.18
C ASN A 310 9.72 -20.74 -16.53
N LYS A 311 8.62 -21.42 -16.82
CA LYS A 311 8.44 -22.09 -18.10
C LYS A 311 8.31 -21.07 -19.22
N ALA A 312 7.38 -20.13 -19.05
CA ALA A 312 7.07 -19.15 -20.09
C ALA A 312 8.22 -18.16 -20.34
N LEU A 313 9.23 -18.17 -19.49
CA LEU A 313 10.35 -17.25 -19.63
C LEU A 313 11.66 -17.96 -19.95
N GLY A 314 11.62 -19.28 -19.95
CA GLY A 314 12.81 -20.08 -20.24
C GLY A 314 13.83 -20.00 -19.12
N LEU A 315 13.34 -19.99 -17.88
CA LEU A 315 14.20 -19.90 -16.71
C LEU A 315 14.31 -21.25 -16.01
N PRO A 316 15.33 -21.43 -15.16
CA PRO A 316 15.42 -22.63 -14.32
C PRO A 316 14.13 -22.90 -13.57
N LYS A 317 13.80 -24.18 -13.37
CA LYS A 317 12.50 -24.57 -12.86
C LYS A 317 12.20 -24.03 -11.45
N TYR A 318 13.26 -23.80 -10.67
CA TYR A 318 13.07 -23.41 -9.28
C TYR A 318 13.62 -22.02 -8.98
N THR A 319 13.60 -21.16 -9.98
CA THR A 319 13.98 -19.76 -9.82
C THR A 319 12.94 -19.03 -8.98
N LYS A 320 13.41 -18.31 -7.95
CA LYS A 320 12.53 -17.47 -7.15
C LYS A 320 12.43 -16.07 -7.75
N LEU A 321 11.40 -15.83 -8.54
CA LEU A 321 11.24 -14.52 -9.18
C LEU A 321 10.09 -13.71 -8.58
N ILE A 322 8.93 -14.35 -8.44
CA ILE A 322 7.74 -13.67 -7.94
C ILE A 322 7.52 -13.94 -6.45
N THR A 323 7.38 -12.87 -5.68
CA THR A 323 7.15 -12.99 -4.24
C THR A 323 5.78 -12.46 -3.84
N PHE A 324 5.07 -13.24 -3.02
CA PHE A 324 3.81 -12.79 -2.44
C PHE A 324 4.03 -12.43 -0.98
N ASN A 325 4.20 -11.14 -0.72
CA ASN A 325 4.35 -10.66 0.65
C ASN A 325 3.02 -10.16 1.18
N VAL A 326 2.16 -11.10 1.57
CA VAL A 326 0.78 -10.78 1.89
C VAL A 326 0.44 -11.08 3.35
N HIS A 327 -0.10 -10.08 4.05
CA HIS A 327 -0.36 -10.22 5.48
C HIS A 327 -1.62 -9.51 5.94
N ASN A 328 -2.38 -8.91 5.01
CA ASN A 328 -3.50 -8.06 5.41
C ASN A 328 -4.84 -8.45 4.79
N ARG A 329 -5.84 -7.60 5.01
CA ARG A 329 -7.25 -7.99 4.86
C ARG A 329 -7.71 -8.26 3.44
N TYR A 330 -6.96 -7.75 2.45
CA TYR A 330 -7.35 -7.94 1.06
C TYR A 330 -6.44 -8.97 0.40
N ALA A 331 -6.08 -9.97 1.19
CA ALA A 331 -5.05 -10.95 0.85
C ALA A 331 -5.13 -11.56 -0.57
N SER A 332 -6.24 -12.23 -0.86
CA SER A 332 -6.34 -13.03 -2.09
C SER A 332 -6.26 -12.20 -3.37
N ASN A 333 -6.80 -10.99 -3.34
CA ASN A 333 -6.79 -10.13 -4.52
C ASN A 333 -5.37 -9.69 -4.87
N ILE A 334 -4.53 -9.49 -3.86
CA ILE A 334 -3.13 -9.20 -4.10
C ILE A 334 -2.51 -10.33 -4.92
N VAL A 335 -2.82 -11.56 -4.52
CA VAL A 335 -2.35 -12.75 -5.23
C VAL A 335 -2.98 -12.83 -6.62
N GLU A 336 -4.29 -12.62 -6.69
CA GLU A 336 -5.02 -12.72 -7.94
C GLU A 336 -4.63 -11.63 -8.93
N SER A 337 -4.41 -10.41 -8.44
CA SER A 337 -4.07 -9.30 -9.31
C SER A 337 -2.69 -9.47 -9.92
N ALA A 338 -1.80 -10.14 -9.18
CA ALA A 338 -0.44 -10.36 -9.66
C ALA A 338 -0.45 -11.24 -10.92
N TYR A 339 -1.38 -12.18 -10.98
CA TYR A 339 -1.57 -12.99 -12.17
C TYR A 339 -1.97 -12.09 -13.35
N LEU A 340 -2.93 -11.20 -13.10
CA LEU A 340 -3.47 -10.31 -14.12
C LEU A 340 -2.43 -9.33 -14.62
N ILE A 341 -1.61 -8.81 -13.71
CA ILE A 341 -0.61 -7.81 -14.01
C ILE A 341 0.47 -8.35 -14.94
N LEU A 342 0.97 -9.53 -14.62
CA LEU A 342 2.03 -10.14 -15.41
C LEU A 342 1.51 -10.61 -16.77
N ASN A 343 0.20 -10.82 -16.87
CA ASN A 343 -0.42 -11.17 -18.15
C ASN A 343 -0.46 -9.98 -19.10
N GLU A 344 -0.88 -8.82 -18.59
CA GLU A 344 -0.88 -7.58 -19.35
C GLU A 344 0.54 -7.19 -19.74
N TRP A 345 1.49 -7.54 -18.87
CA TRP A 345 2.91 -7.27 -19.08
C TRP A 345 3.49 -8.13 -20.20
N LYS A 346 2.99 -9.37 -20.31
CA LYS A 346 3.43 -10.27 -21.37
C LYS A 346 2.86 -9.85 -22.72
N ASN A 347 1.65 -9.30 -22.71
CA ASN A 347 0.93 -8.96 -23.93
C ASN A 347 1.37 -7.65 -24.57
N ASN A 348 1.79 -6.68 -23.76
CA ASN A 348 2.11 -5.36 -24.28
C ASN A 348 3.61 -5.09 -24.44
N ILE A 349 4.43 -6.11 -24.20
CA ILE A 349 5.88 -5.96 -24.34
C ILE A 349 6.47 -7.18 -25.05
N GLN A 350 7.33 -6.92 -26.03
CA GLN A 350 7.94 -7.97 -26.85
C GLN A 350 8.56 -9.08 -26.01
N SER A 351 8.39 -10.31 -26.46
CA SER A 351 8.92 -11.49 -25.77
C SER A 351 10.40 -11.37 -25.46
N ASP A 352 11.18 -10.86 -26.41
CA ASP A 352 12.63 -10.84 -26.27
C ASP A 352 13.13 -9.73 -25.34
N LEU A 353 12.37 -8.65 -25.21
CA LEU A 353 12.72 -7.61 -24.25
C LEU A 353 12.47 -8.09 -22.84
N ILE A 354 11.31 -8.72 -22.65
CA ILE A 354 10.94 -9.28 -21.36
C ILE A 354 11.95 -10.30 -20.86
N LYS A 355 12.38 -11.21 -21.74
CA LYS A 355 13.26 -12.30 -21.32
C LYS A 355 14.65 -11.81 -20.90
N LYS A 356 15.28 -10.99 -21.73
CA LYS A 356 16.66 -10.59 -21.50
C LYS A 356 16.83 -9.67 -20.29
N VAL A 357 15.86 -8.79 -20.06
CA VAL A 357 15.89 -7.90 -18.92
C VAL A 357 15.60 -8.67 -17.62
N THR A 358 14.63 -9.59 -17.69
CA THR A 358 14.28 -10.39 -16.53
C THR A 358 15.44 -11.30 -16.14
N ASN A 359 16.12 -11.86 -17.13
CA ASN A 359 17.31 -12.68 -16.87
C ASN A 359 18.37 -11.86 -16.14
N TYR A 360 18.49 -10.59 -16.51
CA TYR A 360 19.41 -9.68 -15.86
C TYR A 360 19.06 -9.50 -14.38
N LEU A 361 17.76 -9.37 -14.10
CA LEU A 361 17.29 -9.21 -12.73
C LEU A 361 17.61 -10.45 -11.90
N VAL A 362 17.45 -11.63 -12.50
CA VAL A 362 17.72 -12.89 -11.82
C VAL A 362 19.19 -13.02 -11.41
N ASP A 363 20.09 -12.56 -12.28
CA ASP A 363 21.52 -12.58 -11.99
C ASP A 363 21.85 -11.83 -10.71
N GLY A 364 21.09 -10.77 -10.43
CA GLY A 364 21.26 -10.00 -9.22
C GLY A 364 20.32 -10.43 -8.12
N ASN A 365 19.72 -11.60 -8.29
CA ASN A 365 18.79 -12.19 -7.32
C ASN A 365 17.58 -11.29 -7.07
N GLY A 366 17.05 -10.71 -8.14
CA GLY A 366 15.95 -9.77 -8.05
C GLY A 366 14.59 -10.42 -7.89
N ARG A 367 13.57 -9.60 -7.67
CA ARG A 367 12.22 -10.10 -7.42
C ARG A 367 11.14 -9.24 -8.04
N PHE A 368 10.00 -9.85 -8.32
CA PHE A 368 8.75 -9.12 -8.51
C PHE A 368 7.95 -9.25 -7.21
N VAL A 369 7.93 -8.21 -6.41
CA VAL A 369 7.27 -8.28 -5.10
C VAL A 369 5.88 -7.68 -5.11
N PHE A 370 4.88 -8.52 -4.84
CA PHE A 370 3.51 -8.07 -4.72
C PHE A 370 3.08 -8.16 -3.26
N THR A 371 2.70 -7.02 -2.67
CA THR A 371 2.51 -6.94 -1.24
C THR A 371 1.38 -6.02 -0.81
N ASP A 372 0.87 -6.25 0.40
CA ASP A 372 -0.11 -5.35 1.01
C ASP A 372 0.47 -4.70 2.26
N ILE A 373 1.77 -4.85 2.46
CA ILE A 373 2.45 -4.12 3.52
C ILE A 373 3.28 -3.00 2.88
N THR A 374 3.52 -1.92 3.60
CA THR A 374 4.12 -0.74 2.98
C THR A 374 5.56 -1.02 2.56
N LEU A 375 5.99 -0.31 1.51
CA LEU A 375 7.29 -0.57 0.88
C LEU A 375 8.52 -0.34 1.77
N PRO A 376 8.48 0.64 2.70
CA PRO A 376 9.65 0.73 3.58
C PRO A 376 9.89 -0.52 4.41
N ASN A 377 8.87 -1.36 4.52
CA ASN A 377 8.99 -2.60 5.29
C ASN A 377 9.24 -3.82 4.41
N ILE A 378 9.57 -3.58 3.14
CA ILE A 378 9.97 -4.64 2.23
C ILE A 378 11.49 -4.73 2.18
N ALA A 379 12.03 -5.91 2.47
CA ALA A 379 13.47 -6.12 2.60
C ALA A 379 14.24 -5.68 1.36
N GLU A 380 13.65 -5.89 0.18
CA GLU A 380 14.29 -5.51 -1.08
C GLU A 380 14.55 -4.00 -1.16
N GLN A 381 13.88 -3.22 -0.30
CA GLN A 381 14.23 -1.80 -0.19
C GLN A 381 15.09 -1.50 1.03
N TYR A 382 14.63 -1.89 2.22
CA TYR A 382 15.26 -1.34 3.44
C TYR A 382 16.67 -1.85 3.72
N THR A 383 17.05 -3.00 3.16
CA THR A 383 18.40 -3.50 3.38
C THR A 383 19.42 -2.65 2.63
N HIS A 384 18.95 -1.84 1.69
CA HIS A 384 19.83 -0.95 0.94
C HIS A 384 19.53 0.50 1.25
N GLN A 385 18.59 0.72 2.17
CA GLN A 385 18.21 2.06 2.58
C GLN A 385 18.20 2.16 4.11
N ASP A 386 19.38 2.33 4.69
CA ASP A 386 19.54 2.43 6.14
C ASP A 386 18.78 3.61 6.73
N GLU A 387 18.92 4.77 6.09
CA GLU A 387 18.28 5.99 6.58
C GLU A 387 16.78 6.01 6.28
N ILE A 388 15.98 6.12 7.34
CA ILE A 388 14.52 6.16 7.21
C ILE A 388 14.09 7.37 6.39
N TYR A 389 14.87 8.44 6.42
CA TYR A 389 14.52 9.65 5.67
C TYR A 389 14.75 9.45 4.18
N GLU A 390 15.30 8.31 3.79
CA GLU A 390 15.51 7.99 2.39
C GLU A 390 14.60 6.87 1.92
N GLN A 391 13.96 6.19 2.87
CA GLN A 391 12.99 5.15 2.52
C GLN A 391 11.79 5.79 1.82
N VAL A 392 11.09 5.00 1.03
CA VAL A 392 10.00 5.54 0.22
C VAL A 392 8.76 4.67 0.33
N HIS A 393 7.61 5.30 0.53
CA HIS A 393 6.37 4.62 0.30
C HIS A 393 5.64 5.19 -0.84
N SER A 394 5.22 4.33 -1.74
CA SER A 394 4.49 4.70 -2.94
C SER A 394 3.81 3.42 -3.42
N LYS A 395 3.00 3.52 -4.46
CA LYS A 395 2.30 2.33 -4.95
C LYS A 395 3.31 1.33 -5.53
N GLY A 396 4.40 1.84 -6.09
CA GLY A 396 5.41 1.00 -6.70
C GLY A 396 6.79 1.58 -6.70
N LEU A 397 7.78 0.73 -6.97
CA LEU A 397 9.18 1.13 -6.93
C LEU A 397 10.04 0.15 -7.72
N TYR A 398 11.13 0.65 -8.30
CA TYR A 398 12.17 -0.23 -8.79
C TYR A 398 13.45 0.05 -8.03
N VAL A 399 14.04 -0.99 -7.44
CA VAL A 399 15.25 -0.83 -6.64
C VAL A 399 16.44 -1.47 -7.35
N PRO A 400 17.32 -0.64 -7.91
CA PRO A 400 18.49 -1.10 -8.67
C PRO A 400 19.43 -1.96 -7.82
N GLU A 401 19.67 -1.55 -6.59
CA GLU A 401 20.59 -2.27 -5.71
C GLU A 401 20.15 -3.71 -5.47
N SER A 402 18.85 -3.95 -5.62
CA SER A 402 18.30 -5.28 -5.37
C SER A 402 17.68 -5.90 -6.63
N ARG A 403 17.71 -5.16 -7.74
CA ARG A 403 17.16 -5.62 -9.00
C ARG A 403 15.69 -6.02 -8.87
N SER A 404 14.95 -5.29 -8.04
CA SER A 404 13.59 -5.71 -7.69
C SER A 404 12.52 -4.68 -8.03
N ILE A 405 11.37 -5.18 -8.48
CA ILE A 405 10.19 -4.36 -8.66
C ILE A 405 9.22 -4.58 -7.51
N LEU A 406 8.81 -3.51 -6.84
CA LEU A 406 7.92 -3.62 -5.71
C LEU A 406 6.58 -3.00 -6.06
N LEU A 407 5.49 -3.71 -5.75
CA LEU A 407 4.16 -3.21 -6.07
C LEU A 407 3.21 -3.38 -4.91
N HIS A 408 2.76 -2.25 -4.36
CA HIS A 408 1.87 -2.22 -3.21
C HIS A 408 0.40 -2.16 -3.64
N GLY A 409 -0.32 -3.26 -3.43
CA GLY A 409 -1.71 -3.38 -3.86
C GLY A 409 -2.71 -2.32 -3.42
N PRO A 410 -2.93 -2.18 -2.11
CA PRO A 410 -3.98 -1.31 -1.57
C PRO A 410 -3.92 0.17 -1.97
N SER A 411 -2.72 0.75 -2.05
CA SER A 411 -2.60 2.19 -2.26
C SER A 411 -3.01 2.65 -3.65
N LYS A 412 -3.18 3.96 -3.79
CA LYS A 412 -3.60 4.57 -5.06
C LYS A 412 -2.42 5.21 -5.77
N GLY A 413 -2.46 5.20 -7.10
CA GLY A 413 -1.36 5.75 -7.88
C GLY A 413 -1.52 7.22 -8.20
N VAL A 414 -0.39 7.88 -8.41
CA VAL A 414 -0.39 9.28 -8.83
C VAL A 414 -0.88 9.35 -10.27
N GLU A 415 -2.18 9.68 -10.40
CA GLU A 415 -2.89 9.74 -11.68
C GLU A 415 -2.45 8.63 -12.64
N LEU A 416 -2.89 7.41 -12.36
CA LEU A 416 -2.61 6.28 -13.23
C LEU A 416 -3.74 5.27 -13.21
N ARG A 417 -4.10 4.77 -14.39
CA ARG A 417 -5.28 3.92 -14.55
C ARG A 417 -5.32 2.67 -13.66
N ASN A 418 -4.33 1.78 -13.83
CA ASN A 418 -4.39 0.46 -13.24
C ASN A 418 -3.00 0.03 -12.80
N ASP A 419 -2.94 -1.04 -12.01
CA ASP A 419 -1.68 -1.59 -11.54
C ASP A 419 -0.81 -2.06 -12.70
N SER A 420 -1.45 -2.61 -13.73
CA SER A 420 -0.75 -3.21 -14.85
C SER A 420 0.08 -2.18 -15.63
N GLU A 421 -0.45 -0.97 -15.76
CA GLU A 421 0.28 0.10 -16.43
C GLU A 421 1.45 0.56 -15.57
N GLY A 422 1.25 0.54 -14.25
CA GLY A 422 2.30 0.94 -13.33
C GLY A 422 3.44 -0.05 -13.26
N PHE A 423 3.15 -1.34 -13.44
CA PHE A 423 4.18 -2.36 -13.44
C PHE A 423 5.08 -2.20 -14.66
N ILE A 424 4.47 -1.89 -15.80
CA ILE A 424 5.21 -1.68 -17.04
C ILE A 424 6.15 -0.50 -16.88
N HIS A 425 5.66 0.54 -16.21
CA HIS A 425 6.48 1.69 -15.85
C HIS A 425 7.70 1.25 -15.05
N GLU A 426 7.48 0.40 -14.04
CA GLU A 426 8.57 -0.09 -13.21
C GLU A 426 9.53 -0.95 -14.02
N PHE A 427 8.98 -1.77 -14.91
CA PHE A 427 9.80 -2.59 -15.79
C PHE A 427 10.63 -1.70 -16.72
N GLY A 428 10.14 -0.49 -16.98
CA GLY A 428 10.86 0.48 -17.77
C GLY A 428 12.13 0.94 -17.07
N HIS A 429 12.07 0.96 -15.73
CA HIS A 429 13.24 1.29 -14.93
C HIS A 429 14.31 0.22 -15.07
N ALA A 430 13.89 -1.04 -15.01
CA ALA A 430 14.80 -2.16 -15.16
C ALA A 430 15.44 -2.13 -16.55
N VAL A 431 14.70 -1.63 -17.52
CA VAL A 431 15.22 -1.46 -18.87
C VAL A 431 16.33 -0.42 -18.91
N ASP A 432 16.08 0.73 -18.28
CA ASP A 432 17.07 1.79 -18.12
C ASP A 432 18.35 1.22 -17.51
N ASP A 433 18.18 0.39 -16.48
CA ASP A 433 19.30 -0.20 -15.76
C ASP A 433 20.14 -1.11 -16.65
N TYR A 434 19.48 -2.06 -17.31
CA TYR A 434 20.19 -3.03 -18.14
C TYR A 434 20.88 -2.36 -19.34
N ALA A 435 20.19 -1.42 -19.97
CA ALA A 435 20.76 -0.68 -21.10
C ALA A 435 22.03 0.05 -20.67
N GLY A 436 21.99 0.66 -19.49
CA GLY A 436 23.14 1.34 -18.95
C GLY A 436 24.24 0.36 -18.57
N TYR A 437 23.85 -0.85 -18.22
CA TYR A 437 24.80 -1.90 -17.87
C TYR A 437 25.52 -2.42 -19.11
N LEU A 438 24.76 -2.61 -20.18
CA LEU A 438 25.32 -3.13 -21.43
C LEU A 438 26.30 -2.13 -22.04
N LEU A 439 26.02 -0.83 -21.87
CA LEU A 439 26.93 0.22 -22.31
C LEU A 439 28.29 0.13 -21.61
N ASP A 440 28.27 -0.25 -20.34
CA ASP A 440 29.47 -0.26 -19.52
C ASP A 440 29.32 -1.24 -18.36
N LYS A 441 29.68 -2.50 -18.60
CA LYS A 441 29.52 -3.56 -17.61
C LYS A 441 30.37 -3.35 -16.36
N ASN A 442 31.42 -2.56 -16.46
CA ASN A 442 32.35 -2.39 -15.33
C ASN A 442 31.74 -1.58 -14.19
N GLN A 443 31.39 -0.32 -14.45
CA GLN A 443 30.57 0.43 -13.51
C GLN A 443 29.20 0.62 -14.14
N SER A 444 28.23 -0.15 -13.68
CA SER A 444 26.87 -0.08 -14.21
C SER A 444 26.12 1.14 -13.68
N ASP A 445 25.84 2.09 -14.57
CA ASP A 445 25.00 3.24 -14.24
C ASP A 445 23.73 3.17 -15.09
N LEU A 446 22.79 4.06 -14.84
CA LEU A 446 21.58 4.13 -15.64
C LEU A 446 21.86 4.83 -16.96
N VAL A 447 21.25 4.34 -18.04
CA VAL A 447 21.46 4.95 -19.35
C VAL A 447 20.84 6.35 -19.39
N THR A 448 19.99 6.65 -18.41
CA THR A 448 19.41 7.98 -18.28
C THR A 448 20.38 8.93 -17.58
N ASN A 449 21.43 8.36 -17.00
CA ASN A 449 22.52 9.17 -16.46
C ASN A 449 23.64 9.27 -17.48
N SER A 450 23.28 9.08 -18.75
CA SER A 450 24.22 9.24 -19.85
C SER A 450 24.09 10.63 -20.47
N LYS A 451 25.18 11.10 -21.06
CA LYS A 451 25.26 12.44 -21.64
C LYS A 451 24.14 12.74 -22.62
N LYS A 452 23.89 11.77 -23.49
CA LYS A 452 22.88 11.90 -24.53
C LYS A 452 21.49 12.17 -23.96
N PHE A 453 21.03 11.28 -23.08
CA PHE A 453 19.66 11.34 -22.59
C PHE A 453 19.41 12.53 -21.68
N ILE A 454 20.44 12.98 -20.98
CA ILE A 454 20.30 14.10 -20.05
C ILE A 454 19.78 15.34 -20.76
N ASP A 455 20.39 15.67 -21.89
CA ASP A 455 19.99 16.85 -22.64
C ASP A 455 18.71 16.60 -23.43
N ILE A 456 18.41 15.34 -23.74
CA ILE A 456 17.10 15.00 -24.27
C ILE A 456 16.02 15.38 -23.28
N PHE A 457 16.31 15.12 -22.00
CA PHE A 457 15.36 15.39 -20.93
C PHE A 457 15.14 16.89 -20.70
N LYS A 458 16.16 17.70 -20.96
CA LYS A 458 16.05 19.13 -20.71
C LYS A 458 15.23 19.81 -21.80
N GLU A 459 15.01 19.10 -22.90
CA GLU A 459 14.18 19.60 -24.00
C GLU A 459 12.79 18.98 -23.98
N GLU A 460 12.72 17.68 -24.21
CA GLU A 460 11.44 16.97 -24.33
C GLU A 460 10.85 16.59 -22.98
N GLY A 461 11.56 16.91 -21.91
CA GLY A 461 11.20 16.46 -20.58
C GLY A 461 9.82 16.84 -20.07
N SER A 462 9.38 18.05 -20.39
CA SER A 462 8.09 18.53 -19.90
C SER A 462 7.01 18.41 -20.96
N ASN A 463 7.15 17.42 -21.83
CA ASN A 463 6.18 17.20 -22.89
C ASN A 463 5.17 16.11 -22.53
N LEU A 464 5.65 15.06 -21.89
CA LEU A 464 4.79 13.93 -21.51
C LEU A 464 4.08 14.20 -20.18
N THR A 465 3.79 13.12 -19.45
CA THR A 465 3.00 13.20 -18.22
C THR A 465 3.56 14.20 -17.21
N SER A 466 2.67 14.74 -16.38
CA SER A 466 3.05 15.72 -15.37
C SER A 466 4.09 15.16 -14.42
N TYR A 467 4.04 13.85 -14.17
CA TYR A 467 4.98 13.23 -13.25
C TYR A 467 6.30 12.90 -13.93
N GLY A 468 6.27 12.74 -15.26
CA GLY A 468 7.47 12.44 -16.00
C GLY A 468 8.47 13.58 -16.01
N ARG A 469 8.06 14.72 -15.45
CA ARG A 469 8.90 15.91 -15.38
C ARG A 469 9.86 15.86 -14.20
N THR A 470 9.67 14.87 -13.33
CA THR A 470 10.42 14.80 -12.07
C THR A 470 11.92 14.72 -12.30
N ASN A 471 12.36 13.75 -13.11
CA ASN A 471 13.77 13.64 -13.48
C ASN A 471 14.00 12.73 -14.67
N GLU A 472 15.26 12.57 -15.05
CA GLU A 472 15.65 11.73 -16.18
C GLU A 472 15.11 10.31 -16.07
N ALA A 473 15.25 9.70 -14.90
CA ALA A 473 14.85 8.31 -14.71
C ALA A 473 13.35 8.13 -14.82
N GLU A 474 12.59 9.02 -14.18
CA GLU A 474 11.13 8.95 -14.21
C GLU A 474 10.60 9.21 -15.62
N PHE A 475 11.24 10.16 -16.30
CA PHE A 475 10.83 10.54 -17.65
C PHE A 475 10.94 9.36 -18.61
N PHE A 476 12.08 8.69 -18.58
CA PHE A 476 12.30 7.48 -19.37
C PHE A 476 11.23 6.44 -19.11
N ALA A 477 10.81 6.34 -17.85
CA ALA A 477 9.89 5.29 -17.43
C ALA A 477 8.45 5.58 -17.89
N GLU A 478 8.02 6.83 -17.76
CA GLU A 478 6.70 7.23 -18.22
C GLU A 478 6.59 7.11 -19.73
N ALA A 479 7.67 7.49 -20.43
CA ALA A 479 7.72 7.36 -21.88
C ALA A 479 7.63 5.89 -22.29
N PHE A 480 8.38 5.05 -21.58
CA PHE A 480 8.39 3.61 -21.84
C PHE A 480 6.99 3.03 -21.66
N ARG A 481 6.33 3.43 -20.57
CA ARG A 481 4.99 2.95 -20.27
C ARG A 481 4.03 3.31 -21.40
N LEU A 482 3.94 4.60 -21.69
CA LEU A 482 3.03 5.11 -22.71
C LEU A 482 3.34 4.53 -24.09
N MET A 483 4.60 4.16 -24.32
CA MET A 483 4.98 3.52 -25.57
C MET A 483 4.46 2.09 -25.66
N HIS A 484 3.91 1.60 -24.56
CA HIS A 484 3.42 0.22 -24.51
C HIS A 484 2.01 0.12 -23.95
N SER A 485 1.22 1.18 -24.15
CA SER A 485 -0.17 1.19 -23.69
C SER A 485 -1.07 0.41 -24.65
N THR A 486 -2.15 -0.15 -24.13
CA THR A 486 -3.14 -0.83 -24.96
C THR A 486 -3.82 0.18 -25.86
N ASP A 487 -4.06 1.37 -25.31
CA ASP A 487 -4.62 2.49 -26.06
C ASP A 487 -3.63 2.95 -27.12
N HIS A 488 -3.91 2.58 -28.36
CA HIS A 488 -3.05 2.90 -29.50
C HIS A 488 -2.78 4.39 -29.65
N ALA A 489 -3.72 5.21 -29.20
CA ALA A 489 -3.59 6.66 -29.30
C ALA A 489 -2.42 7.17 -28.45
N GLU A 490 -2.27 6.59 -27.26
CA GLU A 490 -1.27 7.04 -26.30
C GLU A 490 0.16 6.90 -26.81
N ARG A 491 0.41 5.85 -27.58
CA ARG A 491 1.75 5.58 -28.09
C ARG A 491 2.19 6.61 -29.12
N LEU A 492 1.22 7.16 -29.86
CA LEU A 492 1.52 8.10 -30.93
C LEU A 492 1.94 9.46 -30.39
N LYS A 493 1.35 9.86 -29.27
CA LYS A 493 1.69 11.14 -28.66
C LYS A 493 3.18 11.18 -28.29
N VAL A 494 3.68 10.06 -27.79
CA VAL A 494 5.10 9.95 -27.43
C VAL A 494 5.98 10.15 -28.65
N GLN A 495 5.59 9.53 -29.77
CA GLN A 495 6.33 9.69 -31.01
C GLN A 495 6.24 11.11 -31.54
N LYS A 496 5.14 11.79 -31.24
CA LYS A 496 4.92 13.15 -31.75
C LYS A 496 5.39 14.23 -30.78
N ASN A 497 5.05 14.09 -29.51
CA ASN A 497 5.36 15.12 -28.50
C ASN A 497 6.76 14.96 -27.92
N ALA A 498 7.40 13.82 -28.17
CA ALA A 498 8.78 13.61 -27.73
C ALA A 498 9.52 12.62 -28.62
N PRO A 499 9.76 13.00 -29.88
CA PRO A 499 10.32 12.09 -30.89
C PRO A 499 11.73 11.58 -30.58
N LYS A 500 12.54 12.37 -29.89
CA LYS A 500 13.91 11.93 -29.58
C LYS A 500 13.89 10.88 -28.48
N THR A 501 13.05 11.10 -27.47
CA THR A 501 12.86 10.11 -26.41
C THR A 501 12.30 8.82 -27.00
N PHE A 502 11.33 8.95 -27.90
CA PHE A 502 10.75 7.82 -28.60
C PHE A 502 11.82 6.98 -29.29
N GLN A 503 12.64 7.63 -30.11
CA GLN A 503 13.69 6.93 -30.84
C GLN A 503 14.77 6.42 -29.89
N PHE A 504 15.09 7.24 -28.87
CA PHE A 504 16.11 6.87 -27.89
C PHE A 504 15.74 5.56 -27.19
N ILE A 505 14.51 5.47 -26.72
CA ILE A 505 14.06 4.26 -26.03
C ILE A 505 14.08 3.07 -26.97
N ASN A 506 13.47 3.23 -28.14
CA ASN A 506 13.48 2.20 -29.16
C ASN A 506 14.89 1.77 -29.53
N ASP A 507 15.82 2.72 -29.51
CA ASP A 507 17.24 2.41 -29.70
C ASP A 507 17.70 1.41 -28.65
N GLN A 508 17.49 1.76 -27.38
CA GLN A 508 17.94 0.91 -26.27
C GLN A 508 17.26 -0.45 -26.31
N ILE A 509 16.00 -0.46 -26.71
CA ILE A 509 15.27 -1.73 -26.88
C ILE A 509 15.96 -2.61 -27.92
N LYS A 510 16.32 -2.04 -29.07
CA LYS A 510 17.08 -2.76 -30.08
C LYS A 510 18.43 -3.20 -29.52
N PHE A 511 19.10 -2.28 -28.85
CA PHE A 511 20.42 -2.53 -28.29
C PHE A 511 20.41 -3.67 -27.27
N ILE A 512 19.35 -3.74 -26.47
CA ILE A 512 19.21 -4.82 -25.50
C ILE A 512 19.01 -6.18 -26.18
N ILE A 513 18.06 -6.24 -27.10
CA ILE A 513 17.68 -7.49 -27.76
C ILE A 513 18.83 -8.11 -28.56
N ASN A 514 19.67 -7.27 -29.17
CA ASN A 514 20.72 -7.77 -30.05
C ASN A 514 22.05 -8.08 -29.35
N SER A 515 22.09 -7.86 -28.05
CA SER A 515 23.26 -8.25 -27.26
C SER A 515 23.34 -9.77 -27.16
N LEU A 516 24.55 -10.30 -27.27
CA LEU A 516 24.73 -11.75 -27.25
C LEU A 516 24.83 -12.25 -25.81
#